data_8FK9
#
_entry.id   8FK9
#
_cell.length_a   117.062
_cell.length_b   122.801
_cell.length_c   60.501
_cell.angle_alpha   90.000
_cell.angle_beta   90.000
_cell.angle_gamma   90.000
#
_symmetry.space_group_name_H-M   'C 2 2 2'
#
loop_
_entity.id
_entity.type
_entity.pdbx_description
1 polymer 'Evasin P991'
2 polymer 'C-C motif chemokine 16'
3 water water
#
loop_
_entity_poly.entity_id
_entity_poly.type
_entity_poly.pdbx_seq_one_letter_code
_entity_poly.pdbx_strand_id
1 'polypeptide(L)'
;ENGEGTTQPDYDNSTDYYNYEDFKCTCPAPHLNNTNGTVMKPIGCYYTCNVTRCTAPDTYPCYNLTEHQAKNLTTSPTTL
CAVGNCDHGICVPNGTKELCFKAPNLEE
;
A,B
2 'polypeptide(L)'
;GPSQPKVPEWVNTPSTCCLKYYEKVLPRRLVVGYRKALNCHLPAIIFVTKRNREVCTNPNDDWVQEYIKDPNLPLLPTRN
LSTVKIITAKNGQPQLLNSQ
;
C,D
#
# COMPACT_ATOMS: atom_id res chain seq x y z
N TYR A 20 -9.04 1.77 -16.16
CA TYR A 20 -8.38 1.29 -14.94
C TYR A 20 -7.87 2.45 -14.09
N GLU A 21 -8.57 2.71 -12.99
CA GLU A 21 -8.12 3.70 -12.02
C GLU A 21 -6.91 3.22 -11.23
N ASP A 22 -6.40 2.02 -11.52
CA ASP A 22 -5.21 1.51 -10.84
C ASP A 22 -3.93 2.14 -11.35
N PHE A 23 -4.00 2.98 -12.39
CA PHE A 23 -2.84 3.69 -12.90
C PHE A 23 -2.78 5.12 -12.38
N LYS A 24 -3.59 5.44 -11.38
CA LYS A 24 -3.70 6.82 -10.90
C LYS A 24 -2.36 7.37 -10.45
N CYS A 25 -1.64 6.62 -9.62
CA CYS A 25 -0.42 7.13 -9.00
C CYS A 25 0.75 6.18 -9.20
N THR A 26 0.74 5.41 -10.29
CA THR A 26 1.81 4.47 -10.58
C THR A 26 2.80 5.03 -11.61
N CYS A 27 2.82 6.34 -11.79
CA CYS A 27 3.74 6.96 -12.72
C CYS A 27 5.00 7.43 -12.02
N PRO A 28 6.13 7.39 -12.72
CA PRO A 28 7.37 7.94 -12.15
C PRO A 28 7.25 9.43 -11.88
N ALA A 29 8.11 9.91 -10.99
CA ALA A 29 8.13 11.32 -10.62
C ALA A 29 9.54 11.86 -10.77
N PRO A 30 9.68 13.15 -11.10
CA PRO A 30 11.02 13.72 -11.23
C PRO A 30 11.76 13.73 -9.91
N HIS A 31 13.02 13.33 -9.95
CA HIS A 31 13.88 13.26 -8.79
C HIS A 31 15.21 13.94 -9.10
N LEU A 32 15.89 14.37 -8.04
CA LEU A 32 17.19 14.99 -8.18
C LEU A 32 18.30 13.99 -7.91
N ASN A 33 19.47 14.27 -8.47
CA ASN A 33 20.68 13.51 -8.19
C ASN A 33 21.48 14.20 -7.10
N ASN A 34 22.44 13.43 -6.56
CA ASN A 34 23.28 13.87 -5.47
C ASN A 34 24.70 13.42 -5.72
N THR A 35 25.56 13.63 -4.72
CA THR A 35 26.96 13.26 -4.75
C THR A 35 27.40 12.31 -3.63
N ASN A 36 26.46 11.73 -2.89
CA ASN A 36 26.73 10.89 -1.73
C ASN A 36 27.05 9.48 -2.14
N GLY A 37 26.58 9.13 -3.31
CA GLY A 37 26.19 7.78 -3.55
C GLY A 37 24.91 7.33 -2.84
N THR A 38 23.93 8.22 -2.62
CA THR A 38 22.66 7.80 -2.01
C THR A 38 21.53 7.85 -3.04
N VAL A 39 20.33 7.39 -2.62
CA VAL A 39 19.19 7.32 -3.54
C VAL A 39 18.76 8.73 -3.96
N MET A 40 18.09 8.79 -5.11
CA MET A 40 17.58 10.06 -5.61
C MET A 40 16.36 10.52 -4.80
N LYS A 41 16.26 11.82 -4.58
CA LYS A 41 15.23 12.38 -3.72
C LYS A 41 14.49 13.51 -4.43
N PRO A 42 13.18 13.59 -4.25
CA PRO A 42 12.38 14.58 -4.99
C PRO A 42 12.37 15.94 -4.28
N ILE A 43 11.90 16.95 -5.01
CA ILE A 43 11.82 18.29 -4.46
C ILE A 43 10.74 18.37 -3.37
N GLY A 44 9.71 17.55 -3.47
CA GLY A 44 8.68 17.55 -2.46
C GLY A 44 8.11 16.16 -2.25
N CYS A 45 6.93 16.08 -1.65
CA CYS A 45 6.26 14.81 -1.44
C CYS A 45 5.07 14.63 -2.37
N TYR A 46 4.81 15.61 -3.22
CA TYR A 46 3.67 15.60 -4.12
C TYR A 46 4.16 15.44 -5.56
N TYR A 47 3.49 14.57 -6.30
CA TYR A 47 3.82 14.40 -7.71
C TYR A 47 2.55 14.23 -8.52
N THR A 48 2.64 14.56 -9.80
CA THR A 48 1.52 14.57 -10.73
C THR A 48 1.73 13.50 -11.78
N CYS A 49 0.67 12.72 -12.05
CA CYS A 49 0.74 11.74 -13.12
C CYS A 49 0.13 12.30 -14.40
N ASN A 50 -1.21 12.29 -14.49
CA ASN A 50 -1.89 12.89 -15.62
C ASN A 50 -2.47 14.20 -15.10
N VAL A 51 -3.71 14.21 -14.61
CA VAL A 51 -4.29 15.36 -13.93
C VAL A 51 -4.51 15.09 -12.46
N THR A 52 -4.21 13.88 -12.00
CA THR A 52 -4.41 13.45 -10.63
C THR A 52 -3.19 13.78 -9.78
N ARG A 53 -3.45 14.30 -8.58
CA ARG A 53 -2.39 14.69 -7.66
C ARG A 53 -2.02 13.50 -6.79
N CYS A 54 -0.75 13.14 -6.76
CA CYS A 54 -0.30 11.99 -5.99
C CYS A 54 0.64 12.45 -4.89
N THR A 55 0.66 11.69 -3.80
CA THR A 55 1.46 12.02 -2.64
C THR A 55 2.46 10.89 -2.41
N ALA A 56 3.68 11.27 -2.05
CA ALA A 56 4.71 10.30 -1.76
C ALA A 56 4.29 9.45 -0.57
N PRO A 57 4.77 8.21 -0.45
CA PRO A 57 4.50 7.41 0.73
C PRO A 57 5.02 8.10 1.98
N ASP A 58 4.42 7.75 3.12
CA ASP A 58 4.85 8.34 4.37
C ASP A 58 6.28 7.91 4.65
N THR A 59 7.08 8.84 5.17
CA THR A 59 8.50 8.75 5.56
C THR A 59 9.42 8.70 4.35
N TYR A 60 8.90 8.71 3.14
CA TYR A 60 9.71 8.69 1.94
C TYR A 60 10.72 9.82 1.95
N PRO A 61 11.97 9.57 1.55
CA PRO A 61 12.99 10.62 1.64
C PRO A 61 12.79 11.69 0.58
N CYS A 62 13.14 12.92 0.94
CA CYS A 62 12.88 14.06 0.07
C CYS A 62 13.83 15.19 0.45
N TYR A 63 13.86 16.20 -0.40
CA TYR A 63 14.57 17.45 -0.14
C TYR A 63 13.56 18.54 0.20
N ASN A 64 13.89 19.37 1.18
CA ASN A 64 13.07 20.54 1.52
C ASN A 64 13.89 21.78 1.19
N LEU A 65 13.54 22.45 0.09
CA LEU A 65 14.29 23.60 -0.40
C LEU A 65 13.54 24.89 -0.15
N THR A 66 14.28 25.97 -0.05
CA THR A 66 13.68 27.30 -0.08
C THR A 66 13.46 27.73 -1.53
N GLU A 67 12.63 28.76 -1.70
CA GLU A 67 12.33 29.25 -3.05
C GLU A 67 13.58 29.72 -3.77
N HIS A 68 14.54 30.29 -3.03
CA HIS A 68 15.82 30.67 -3.63
C HIS A 68 16.51 29.46 -4.26
N GLN A 69 16.66 28.37 -3.49
CA GLN A 69 17.32 27.18 -4.02
C GLN A 69 16.51 26.55 -5.14
N ALA A 70 15.20 26.72 -5.15
CA ALA A 70 14.36 26.07 -6.17
C ALA A 70 14.42 26.80 -7.50
N LYS A 71 14.36 28.14 -7.50
CA LYS A 71 14.40 28.88 -8.75
C LYS A 71 15.81 28.99 -9.32
N ASN A 72 16.82 28.94 -8.46
CA ASN A 72 18.22 29.03 -8.89
C ASN A 72 18.93 27.68 -8.88
N LEU A 73 18.18 26.58 -8.93
CA LEU A 73 18.78 25.26 -9.00
C LEU A 73 19.27 24.98 -10.40
N THR A 74 20.45 24.38 -10.50
CA THR A 74 21.12 24.14 -11.78
C THR A 74 21.50 22.67 -11.88
N THR A 75 22.08 22.31 -13.03
CA THR A 75 22.54 20.97 -13.30
C THR A 75 23.90 20.66 -12.69
N SER A 76 24.48 21.58 -11.91
CA SER A 76 25.78 21.37 -11.30
C SER A 76 25.64 21.20 -9.79
N PRO A 77 26.52 20.39 -9.16
CA PRO A 77 26.44 20.23 -7.71
C PRO A 77 26.85 21.48 -6.97
N THR A 78 25.92 22.42 -6.83
CA THR A 78 26.20 23.72 -6.21
C THR A 78 25.27 24.08 -5.06
N THR A 79 24.16 23.37 -4.86
CA THR A 79 23.15 23.74 -3.88
C THR A 79 23.19 22.76 -2.70
N LEU A 80 23.17 23.31 -1.49
CA LEU A 80 23.09 22.50 -0.27
C LEU A 80 21.62 22.39 0.12
N CYS A 81 21.07 21.19 0.01
CA CYS A 81 19.65 20.95 0.26
C CYS A 81 19.43 20.34 1.64
N ALA A 82 18.33 20.75 2.28
CA ALA A 82 17.90 20.09 3.50
C ALA A 82 17.20 18.79 3.16
N VAL A 83 17.65 17.69 3.76
CA VAL A 83 17.10 16.37 3.52
C VAL A 83 16.04 16.07 4.58
N GLY A 84 14.97 15.39 4.18
CA GLY A 84 13.92 15.06 5.11
C GLY A 84 13.14 13.82 4.73
N ASN A 85 12.05 13.56 5.47
CA ASN A 85 11.17 12.44 5.18
C ASN A 85 9.74 12.94 5.09
N CYS A 86 8.93 12.23 4.31
CA CYS A 86 7.56 12.66 4.04
C CYS A 86 6.64 12.32 5.20
N ASP A 87 5.92 13.32 5.69
CA ASP A 87 4.92 13.12 6.74
C ASP A 87 3.68 13.91 6.36
N HIS A 88 2.59 13.18 6.08
CA HIS A 88 1.33 13.78 5.65
C HIS A 88 1.53 14.64 4.41
N GLY A 89 2.40 14.19 3.51
CA GLY A 89 2.68 14.90 2.29
C GLY A 89 3.69 16.04 2.43
N ILE A 90 4.29 16.18 3.60
CA ILE A 90 5.19 17.29 3.91
C ILE A 90 6.60 16.73 4.12
N CYS A 91 7.59 17.41 3.56
CA CYS A 91 8.99 17.02 3.73
C CYS A 91 9.51 17.60 5.04
N VAL A 92 9.47 16.79 6.10
CA VAL A 92 9.94 17.20 7.42
C VAL A 92 11.46 17.02 7.45
N PRO A 93 12.23 18.10 7.56
CA PRO A 93 13.70 17.97 7.53
C PRO A 93 14.21 17.14 8.70
N ASN A 94 15.25 16.35 8.43
CA ASN A 94 15.89 15.53 9.45
C ASN A 94 17.24 16.07 9.91
N GLY A 95 17.68 17.20 9.38
CA GLY A 95 18.91 17.83 9.81
C GLY A 95 20.11 17.56 8.92
N THR A 96 20.04 16.54 8.06
CA THR A 96 21.14 16.21 7.17
C THR A 96 21.03 16.98 5.87
N LYS A 97 22.17 17.14 5.19
CA LYS A 97 22.23 17.98 4.00
C LYS A 97 23.01 17.28 2.90
N GLU A 98 22.70 17.66 1.66
CA GLU A 98 23.29 17.06 0.48
C GLU A 98 23.45 18.11 -0.61
N LEU A 99 24.27 17.78 -1.61
CA LEU A 99 24.40 18.60 -2.81
C LEU A 99 23.46 18.08 -3.88
N CYS A 100 22.58 18.95 -4.38
CA CYS A 100 21.60 18.59 -5.39
C CYS A 100 21.90 19.26 -6.72
N PHE A 101 21.43 18.62 -7.78
CA PHE A 101 21.47 19.19 -9.12
C PHE A 101 20.48 18.42 -9.97
N LYS A 102 20.01 19.07 -11.03
CA LYS A 102 19.07 18.45 -11.95
C LYS A 102 19.84 17.64 -12.98
N ALA A 103 19.38 16.43 -13.24
CA ALA A 103 20.07 15.58 -14.21
C ALA A 103 19.76 16.03 -15.63
N PRO A 104 20.75 16.02 -16.53
CA PRO A 104 20.52 16.39 -17.93
C PRO A 104 19.77 15.30 -18.71
N GLU B 21 3.68 -15.71 -2.82
CA GLU B 21 4.09 -14.89 -1.68
C GLU B 21 3.25 -13.62 -1.60
N ASP B 22 2.32 -13.48 -2.54
CA ASP B 22 1.41 -12.35 -2.55
C ASP B 22 0.28 -12.49 -1.54
N PHE B 23 0.18 -13.63 -0.87
CA PHE B 23 -0.84 -13.88 0.15
C PHE B 23 -0.33 -13.66 1.57
N LYS B 24 0.82 -12.98 1.72
CA LYS B 24 1.45 -12.88 3.03
C LYS B 24 0.51 -12.30 4.09
N CYS B 25 -0.12 -11.16 3.80
CA CYS B 25 -0.93 -10.49 4.82
C CYS B 25 -2.33 -10.14 4.31
N THR B 26 -2.84 -10.93 3.37
CA THR B 26 -4.17 -10.68 2.82
C THR B 26 -5.24 -11.58 3.43
N CYS B 27 -4.97 -12.16 4.62
CA CYS B 27 -6.01 -12.98 5.24
C CYS B 27 -6.79 -12.16 6.26
N PRO B 28 -8.08 -12.45 6.43
CA PRO B 28 -8.87 -11.75 7.45
C PRO B 28 -8.35 -12.02 8.85
N ALA B 29 -8.69 -11.10 9.76
CA ALA B 29 -8.26 -11.20 11.15
C ALA B 29 -9.46 -11.09 12.07
N PRO B 30 -9.42 -11.73 13.23
CA PRO B 30 -10.53 -11.64 14.17
C PRO B 30 -10.70 -10.24 14.71
N HIS B 31 -11.96 -9.79 14.77
CA HIS B 31 -12.31 -8.47 15.25
C HIS B 31 -13.43 -8.58 16.29
N LEU B 32 -13.53 -7.55 17.13
CA LEU B 32 -14.56 -7.47 18.16
C LEU B 32 -15.71 -6.59 17.71
N ASN B 33 -16.87 -6.81 18.33
CA ASN B 33 -18.11 -6.08 18.08
C ASN B 33 -18.33 -4.97 19.12
N ASN B 34 -19.33 -4.13 18.81
CA ASN B 34 -19.76 -3.01 19.65
C ASN B 34 -21.28 -2.96 19.67
N THR B 35 -21.80 -1.97 20.39
CA THR B 35 -23.21 -1.72 20.50
C THR B 35 -23.60 -0.31 20.06
N ASN B 36 -22.64 0.49 19.57
CA ASN B 36 -22.90 1.89 19.20
C ASN B 36 -22.91 2.13 17.70
N GLY B 37 -22.89 1.08 16.89
CA GLY B 37 -22.97 1.24 15.44
C GLY B 37 -21.73 1.73 14.74
N THR B 38 -20.54 1.40 15.23
CA THR B 38 -19.28 1.75 14.58
C THR B 38 -18.64 0.49 14.00
N VAL B 39 -17.52 0.69 13.28
CA VAL B 39 -16.84 -0.42 12.63
C VAL B 39 -16.24 -1.36 13.67
N MET B 40 -16.02 -2.61 13.26
CA MET B 40 -15.42 -3.60 14.13
C MET B 40 -13.93 -3.33 14.30
N LYS B 41 -13.42 -3.55 15.51
CA LYS B 41 -12.04 -3.22 15.82
C LYS B 41 -11.35 -4.41 16.45
N PRO B 42 -10.10 -4.69 16.07
CA PRO B 42 -9.39 -5.86 16.59
C PRO B 42 -8.64 -5.59 17.89
N ILE B 43 -8.25 -6.66 18.55
CA ILE B 43 -7.42 -6.60 19.75
C ILE B 43 -5.99 -6.31 19.29
N GLY B 44 -5.54 -5.08 19.43
CA GLY B 44 -4.20 -4.71 19.03
C GLY B 44 -4.07 -4.47 17.54
N CYS B 45 -2.81 -4.43 17.09
CA CYS B 45 -2.49 -4.18 15.68
C CYS B 45 -1.87 -5.37 14.97
N TYR B 46 -1.69 -6.50 15.64
CA TYR B 46 -0.99 -7.64 15.07
C TYR B 46 -1.95 -8.79 14.79
N TYR B 47 -1.80 -9.39 13.61
CA TYR B 47 -2.56 -10.55 13.21
C TYR B 47 -1.65 -11.50 12.45
N THR B 48 -2.01 -12.78 12.44
CA THR B 48 -1.18 -13.82 11.84
C THR B 48 -1.89 -14.43 10.65
N CYS B 49 -1.23 -14.45 9.51
CA CYS B 49 -1.68 -15.18 8.34
C CYS B 49 -0.83 -16.45 8.25
N ASN B 50 -1.47 -17.61 8.46
CA ASN B 50 -0.79 -18.90 8.39
C ASN B 50 0.32 -18.98 9.40
N VAL B 51 1.55 -18.68 8.97
CA VAL B 51 2.70 -18.61 9.86
C VAL B 51 3.32 -17.21 9.92
N THR B 52 2.89 -16.29 9.06
CA THR B 52 3.49 -14.96 8.97
C THR B 52 2.82 -14.01 9.96
N ARG B 53 3.63 -13.24 10.68
CA ARG B 53 3.11 -12.23 11.61
C ARG B 53 2.95 -10.92 10.86
N CYS B 54 1.73 -10.39 10.86
CA CYS B 54 1.39 -9.20 10.09
C CYS B 54 0.98 -8.05 11.00
N THR B 55 1.15 -6.83 10.50
CA THR B 55 0.84 -5.62 11.25
C THR B 55 -0.26 -4.83 10.56
N ALA B 56 -1.15 -4.25 11.37
CA ALA B 56 -2.22 -3.43 10.84
C ALA B 56 -1.65 -2.18 10.15
N PRO B 57 -2.37 -1.64 9.17
CA PRO B 57 -1.96 -0.36 8.59
C PRO B 57 -1.98 0.75 9.62
N ASP B 58 -1.23 1.81 9.32
CA ASP B 58 -1.18 2.96 10.20
C ASP B 58 -2.56 3.60 10.28
N THR B 59 -2.90 4.11 11.48
CA THR B 59 -4.17 4.77 11.74
C THR B 59 -5.33 3.76 11.84
N TYR B 60 -5.09 2.48 11.57
CA TYR B 60 -6.14 1.48 11.67
C TYR B 60 -6.72 1.47 13.09
N PRO B 61 -8.04 1.46 13.23
CA PRO B 61 -8.64 1.52 14.58
C PRO B 61 -8.55 0.18 15.30
N CYS B 62 -8.41 0.25 16.62
CA CYS B 62 -8.21 -0.95 17.41
C CYS B 62 -8.62 -0.71 18.85
N TYR B 63 -8.64 -1.79 19.61
CA TYR B 63 -8.85 -1.74 21.06
C TYR B 63 -7.53 -1.97 21.77
N ASN B 64 -7.30 -1.22 22.85
CA ASN B 64 -6.13 -1.39 23.71
C ASN B 64 -6.62 -1.91 25.05
N LEU B 65 -6.39 -3.19 25.31
CA LEU B 65 -6.92 -3.85 26.50
C LEU B 65 -5.83 -4.08 27.53
N THR B 66 -6.25 -4.15 28.79
CA THR B 66 -5.36 -4.63 29.83
C THR B 66 -5.42 -6.15 29.85
N GLU B 67 -4.41 -6.76 30.49
CA GLU B 67 -4.40 -8.22 30.59
C GLU B 67 -5.61 -8.71 31.37
N HIS B 68 -6.05 -7.95 32.37
CA HIS B 68 -7.26 -8.30 33.10
C HIS B 68 -8.48 -8.36 32.19
N GLN B 69 -8.73 -7.29 31.43
CA GLN B 69 -9.90 -7.26 30.55
C GLN B 69 -9.83 -8.32 29.45
N ALA B 70 -8.63 -8.76 29.07
CA ALA B 70 -8.52 -9.73 27.99
C ALA B 70 -8.95 -11.11 28.46
N LYS B 71 -8.61 -11.49 29.69
CA LYS B 71 -9.02 -12.77 30.23
C LYS B 71 -10.48 -12.77 30.65
N ASN B 72 -11.04 -11.61 30.94
CA ASN B 72 -12.44 -11.49 31.34
C ASN B 72 -13.32 -10.99 30.19
N LEU B 73 -12.84 -11.11 28.96
CA LEU B 73 -13.67 -10.78 27.80
C LEU B 73 -14.61 -11.93 27.52
N THR B 74 -15.87 -11.60 27.26
CA THR B 74 -16.91 -12.59 27.06
C THR B 74 -17.67 -12.27 25.79
N THR B 75 -18.62 -13.14 25.45
CA THR B 75 -19.48 -12.94 24.30
C THR B 75 -20.63 -11.97 24.57
N SER B 76 -20.65 -11.38 25.76
CA SER B 76 -21.66 -10.43 26.22
C SER B 76 -21.06 -9.03 26.33
N PRO B 77 -21.85 -7.98 26.04
CA PRO B 77 -21.34 -6.61 26.19
C PRO B 77 -21.17 -6.23 27.65
N THR B 78 -20.04 -6.61 28.24
CA THR B 78 -19.79 -6.35 29.66
C THR B 78 -18.49 -5.60 29.92
N THR B 79 -17.60 -5.49 28.94
CA THR B 79 -16.29 -4.88 29.13
C THR B 79 -16.21 -3.56 28.39
N LEU B 80 -15.68 -2.54 29.06
CA LEU B 80 -15.47 -1.23 28.46
C LEU B 80 -14.08 -1.19 27.85
N CYS B 81 -14.01 -1.10 26.53
CA CYS B 81 -12.75 -1.15 25.79
C CYS B 81 -12.27 0.26 25.45
N ALA B 82 -10.96 0.46 25.57
CA ALA B 82 -10.33 1.69 25.12
C ALA B 82 -10.07 1.62 23.62
N VAL B 83 -10.52 2.65 22.90
CA VAL B 83 -10.38 2.68 21.45
C VAL B 83 -9.11 3.46 21.09
N GLY B 84 -8.42 3.00 20.05
CA GLY B 84 -7.22 3.66 19.62
C GLY B 84 -6.89 3.48 18.15
N ASN B 85 -5.72 3.94 17.73
CA ASN B 85 -5.26 3.79 16.36
C ASN B 85 -3.88 3.17 16.34
N CYS B 86 -3.58 2.47 15.26
CA CYS B 86 -2.33 1.74 15.15
C CYS B 86 -1.19 2.67 14.74
N ASP B 87 -0.11 2.66 15.52
CA ASP B 87 1.10 3.39 15.20
C ASP B 87 2.29 2.47 15.48
N HIS B 88 3.00 2.09 14.42
CA HIS B 88 4.16 1.20 14.52
C HIS B 88 3.79 -0.11 15.22
N GLY B 89 2.59 -0.60 14.95
CA GLY B 89 2.12 -1.82 15.57
C GLY B 89 1.56 -1.66 16.97
N ILE B 90 1.42 -0.43 17.45
CA ILE B 90 0.95 -0.16 18.80
C ILE B 90 -0.42 0.50 18.71
N CYS B 91 -1.36 0.03 19.53
CA CYS B 91 -2.68 0.63 19.61
C CYS B 91 -2.61 1.79 20.59
N VAL B 92 -2.42 3.00 20.07
CA VAL B 92 -2.35 4.20 20.89
C VAL B 92 -3.77 4.67 21.20
N PRO B 93 -4.21 4.63 22.46
CA PRO B 93 -5.58 5.03 22.78
C PRO B 93 -5.83 6.48 22.43
N ASN B 94 -7.04 6.77 21.98
CA ASN B 94 -7.44 8.12 21.62
C ASN B 94 -8.36 8.77 22.66
N GLY B 95 -8.69 8.06 23.74
CA GLY B 95 -9.49 8.60 24.81
C GLY B 95 -10.95 8.20 24.80
N THR B 96 -11.45 7.67 23.68
CA THR B 96 -12.85 7.25 23.59
C THR B 96 -12.99 5.80 24.03
N LYS B 97 -14.22 5.44 24.42
CA LYS B 97 -14.50 4.12 24.98
C LYS B 97 -15.78 3.56 24.38
N GLU B 98 -15.86 2.23 24.35
CA GLU B 98 -16.99 1.50 23.80
C GLU B 98 -17.14 0.20 24.58
N LEU B 99 -18.30 -0.44 24.46
CA LEU B 99 -18.42 -1.80 24.97
C LEU B 99 -18.10 -2.78 23.84
N CYS B 100 -17.15 -3.65 24.11
CA CYS B 100 -16.66 -4.65 23.17
C CYS B 100 -17.07 -6.05 23.65
N PHE B 101 -17.23 -6.97 22.69
CA PHE B 101 -17.49 -8.36 23.03
C PHE B 101 -17.17 -9.24 21.83
N LYS B 102 -16.90 -10.52 22.13
CA LYS B 102 -16.57 -11.50 21.10
C LYS B 102 -17.84 -12.10 20.52
N ALA B 103 -17.88 -12.23 19.20
CA ALA B 103 -19.08 -12.75 18.56
C ALA B 103 -19.18 -14.26 18.78
N PRO B 104 -20.39 -14.79 19.03
CA PRO B 104 -20.61 -16.22 19.20
C PRO B 104 -20.57 -16.99 17.89
N PRO C 14 15.71 7.96 -16.44
CA PRO C 14 16.71 7.64 -15.41
C PRO C 14 16.75 8.66 -14.30
N SER C 15 16.23 9.87 -14.55
CA SER C 15 16.10 10.89 -13.52
C SER C 15 14.75 10.81 -12.81
N THR C 16 14.04 9.69 -12.92
CA THR C 16 12.73 9.53 -12.30
C THR C 16 12.75 8.33 -11.37
N CYS C 17 11.96 8.41 -10.31
CA CYS C 17 11.80 7.34 -9.35
C CYS C 17 10.32 7.08 -9.14
N CYS C 18 10.00 5.89 -8.63
CA CYS C 18 8.63 5.45 -8.45
C CYS C 18 8.25 5.47 -6.97
N LEU C 19 7.02 5.90 -6.70
CA LEU C 19 6.53 6.01 -5.33
C LEU C 19 5.39 5.05 -5.02
N LYS C 20 4.80 4.42 -6.03
CA LYS C 20 3.78 3.40 -5.81
C LYS C 20 3.94 2.35 -6.89
N TYR C 21 3.92 1.08 -6.50
CA TYR C 21 4.07 -0.02 -7.44
C TYR C 21 2.70 -0.42 -7.99
N TYR C 22 2.66 -0.72 -9.28
CA TYR C 22 1.48 -1.34 -9.88
C TYR C 22 1.51 -2.82 -9.57
N GLU C 23 0.59 -3.27 -8.71
CA GLU C 23 0.63 -4.64 -8.21
C GLU C 23 -0.08 -5.62 -9.12
N LYS C 24 -1.05 -5.16 -9.91
CA LYS C 24 -1.70 -6.06 -10.85
C LYS C 24 -0.72 -6.43 -11.97
N VAL C 25 -1.09 -7.46 -12.72
CA VAL C 25 -0.27 -7.97 -13.82
C VAL C 25 -0.63 -7.21 -15.09
N LEU C 26 0.37 -6.68 -15.78
CA LEU C 26 0.11 -5.93 -17.02
C LEU C 26 0.09 -6.88 -18.20
N PRO C 27 -0.99 -6.93 -18.98
CA PRO C 27 -1.02 -7.77 -20.17
C PRO C 27 0.11 -7.38 -21.13
N ARG C 28 0.83 -8.39 -21.62
CA ARG C 28 2.01 -8.13 -22.44
C ARG C 28 1.65 -7.36 -23.71
N ARG C 29 0.47 -7.62 -24.28
CA ARG C 29 0.05 -6.94 -25.51
C ARG C 29 -0.06 -5.43 -25.33
N LEU C 30 -0.11 -4.94 -24.10
CA LEU C 30 -0.22 -3.50 -23.85
C LEU C 30 1.13 -2.79 -23.77
N VAL C 31 2.19 -3.51 -23.43
CA VAL C 31 3.49 -2.92 -23.16
C VAL C 31 4.32 -2.85 -24.43
N VAL C 32 5.07 -1.76 -24.60
CA VAL C 32 5.95 -1.60 -25.75
C VAL C 32 7.42 -1.62 -25.36
N GLY C 33 7.76 -1.44 -24.10
CA GLY C 33 9.15 -1.39 -23.69
C GLY C 33 9.24 -1.22 -22.20
N TYR C 34 10.46 -0.98 -21.72
CA TYR C 34 10.68 -0.83 -20.29
C TYR C 34 11.91 0.02 -20.03
N ARG C 35 11.96 0.58 -18.82
CA ARG C 35 13.11 1.30 -18.31
C ARG C 35 13.40 0.81 -16.89
N LYS C 36 14.56 1.15 -16.37
CA LYS C 36 14.98 0.74 -15.05
C LYS C 36 15.27 1.96 -14.18
N ALA C 37 14.71 2.00 -12.98
CA ALA C 37 14.90 3.08 -12.01
C ALA C 37 15.26 2.42 -10.68
N LEU C 38 16.55 2.08 -10.52
CA LEU C 38 17.00 1.27 -9.41
C LEU C 38 17.73 2.05 -8.32
N ASN C 39 18.32 3.21 -8.66
CA ASN C 39 18.94 4.04 -7.64
C ASN C 39 17.87 4.87 -6.92
N CYS C 40 16.81 4.21 -6.47
CA CYS C 40 15.68 4.86 -5.84
C CYS C 40 15.35 4.15 -4.54
N HIS C 41 14.65 4.86 -3.66
CA HIS C 41 14.19 4.25 -2.41
C HIS C 41 13.25 3.08 -2.70
N LEU C 42 12.45 3.20 -3.76
CA LEU C 42 11.63 2.11 -4.27
C LEU C 42 12.14 1.75 -5.65
N PRO C 43 13.12 0.85 -5.76
CA PRO C 43 13.61 0.45 -7.08
C PRO C 43 12.47 -0.12 -7.91
N ALA C 44 12.39 0.30 -9.16
CA ALA C 44 11.23 -0.05 -9.98
C ALA C 44 11.66 -0.32 -11.41
N ILE C 45 10.92 -1.20 -12.06
CA ILE C 45 10.96 -1.39 -13.51
C ILE C 45 9.77 -0.67 -14.12
N ILE C 46 10.04 0.30 -15.00
CA ILE C 46 9.03 1.18 -15.54
C ILE C 46 8.65 0.68 -16.93
N PHE C 47 7.44 0.15 -17.07
CA PHE C 47 6.95 -0.31 -18.37
C PHE C 47 6.25 0.84 -19.08
N VAL C 48 6.52 0.96 -20.38
CA VAL C 48 5.91 1.97 -21.23
C VAL C 48 4.83 1.28 -22.06
N THR C 49 3.62 1.81 -22.03
CA THR C 49 2.49 1.18 -22.69
C THR C 49 2.23 1.84 -24.04
N LYS C 50 1.20 1.34 -24.73
CA LYS C 50 0.90 1.79 -26.09
C LYS C 50 0.56 3.28 -26.14
N ARG C 51 -0.03 3.81 -25.07
CA ARG C 51 -0.43 5.22 -25.02
C ARG C 51 0.60 6.07 -24.30
N ASN C 52 1.87 5.63 -24.32
CA ASN C 52 2.99 6.37 -23.72
C ASN C 52 2.82 6.55 -22.21
N ARG C 53 2.24 5.56 -21.54
CA ARG C 53 2.07 5.67 -20.10
C ARG C 53 3.20 4.91 -19.42
N GLU C 54 3.82 5.54 -18.44
CA GLU C 54 4.89 4.92 -17.68
C GLU C 54 4.29 4.34 -16.41
N VAL C 55 4.46 3.03 -16.22
CA VAL C 55 3.81 2.28 -15.16
C VAL C 55 4.87 1.66 -14.28
N CYS C 56 4.85 2.00 -13.00
CA CYS C 56 5.85 1.52 -12.06
C CYS C 56 5.50 0.13 -11.55
N THR C 57 6.49 -0.77 -11.59
CA THR C 57 6.29 -2.15 -11.15
C THR C 57 7.46 -2.58 -10.27
N ASN C 58 7.18 -3.58 -9.43
CA ASN C 58 8.20 -4.13 -8.54
C ASN C 58 9.14 -5.05 -9.32
N PRO C 59 10.46 -4.83 -9.24
CA PRO C 59 11.38 -5.65 -10.04
C PRO C 59 11.49 -7.09 -9.59
N ASN C 60 11.03 -7.43 -8.38
CA ASN C 60 11.14 -8.80 -7.90
C ASN C 60 9.96 -9.66 -8.32
N ASP C 61 8.88 -9.05 -8.77
CA ASP C 61 7.74 -9.80 -9.27
C ASP C 61 8.14 -10.68 -10.45
N ASP C 62 7.52 -11.86 -10.53
CA ASP C 62 7.92 -12.84 -11.55
C ASP C 62 7.46 -12.42 -12.94
N TRP C 63 6.26 -11.87 -13.05
CA TRP C 63 5.77 -11.41 -14.35
C TRP C 63 6.65 -10.30 -14.91
N VAL C 64 7.08 -9.35 -14.07
CA VAL C 64 7.97 -8.29 -14.52
C VAL C 64 9.26 -8.87 -15.07
N GLN C 65 9.82 -9.87 -14.38
CA GLN C 65 11.10 -10.44 -14.80
C GLN C 65 10.97 -11.24 -16.08
N GLU C 66 9.89 -12.01 -16.22
CA GLU C 66 9.67 -12.75 -17.46
C GLU C 66 9.45 -11.81 -18.63
N TYR C 67 8.95 -10.60 -18.38
CA TYR C 67 8.79 -9.62 -19.44
C TYR C 67 10.15 -9.10 -19.90
N ILE C 68 11.06 -8.85 -18.96
CA ILE C 68 12.37 -8.33 -19.30
C ILE C 68 13.21 -9.38 -20.01
N LYS C 69 13.04 -10.65 -19.64
CA LYS C 69 13.78 -11.72 -20.31
C LYS C 69 13.40 -11.83 -21.78
N ASP C 70 12.20 -11.41 -22.14
CA ASP C 70 11.74 -11.41 -23.52
C ASP C 70 12.67 -10.55 -24.37
N PRO C 71 13.32 -11.10 -25.40
CA PRO C 71 14.17 -10.27 -26.26
C PRO C 71 13.38 -9.33 -27.15
N ASN C 72 12.09 -9.59 -27.36
CA ASN C 72 11.24 -8.69 -28.11
C ASN C 72 10.70 -7.54 -27.27
N LEU C 73 11.03 -7.48 -25.99
CA LEU C 73 10.64 -6.36 -25.15
C LEU C 73 11.89 -5.61 -24.72
N PRO C 74 12.24 -4.51 -25.38
CA PRO C 74 13.56 -3.90 -25.19
C PRO C 74 13.58 -2.83 -24.11
N LEU C 75 14.78 -2.59 -23.58
CA LEU C 75 15.00 -1.45 -22.70
C LEU C 75 15.01 -0.18 -23.54
N LEU C 76 14.34 0.85 -23.05
CA LEU C 76 14.18 2.07 -23.83
C LEU C 76 15.09 3.17 -23.32
N PRO C 77 15.88 3.80 -24.18
CA PRO C 77 16.75 4.92 -23.79
C PRO C 77 15.96 6.05 -23.13
N SER D 15 -17.40 -12.00 11.54
CA SER D 15 -16.82 -11.36 12.72
C SER D 15 -15.34 -11.05 12.49
N THR D 16 -14.93 -11.08 11.23
CA THR D 16 -13.55 -10.83 10.84
C THR D 16 -13.50 -9.66 9.87
N CYS D 17 -12.38 -8.94 9.89
CA CYS D 17 -12.17 -7.81 9.00
C CYS D 17 -10.82 -7.95 8.31
N CYS D 18 -10.68 -7.24 7.21
CA CYS D 18 -9.49 -7.31 6.37
C CYS D 18 -8.66 -6.06 6.56
N LEU D 19 -7.34 -6.25 6.58
CA LEU D 19 -6.40 -5.16 6.82
C LEU D 19 -5.50 -4.87 5.63
N LYS D 20 -5.45 -5.77 4.64
CA LYS D 20 -4.66 -5.53 3.43
C LYS D 20 -5.40 -6.17 2.26
N TYR D 21 -5.52 -5.42 1.17
CA TYR D 21 -6.21 -5.90 -0.03
C TYR D 21 -5.25 -6.67 -0.92
N TYR D 22 -5.75 -7.75 -1.51
CA TYR D 22 -5.04 -8.44 -2.59
C TYR D 22 -5.29 -7.69 -3.88
N GLU D 23 -4.25 -7.05 -4.42
CA GLU D 23 -4.41 -6.17 -5.57
C GLU D 23 -4.36 -6.90 -6.91
N LYS D 24 -3.68 -8.04 -6.97
CA LYS D 24 -3.64 -8.85 -8.19
C LYS D 24 -4.99 -9.51 -8.43
N VAL D 25 -5.14 -10.07 -9.64
CA VAL D 25 -6.33 -10.82 -10.00
C VAL D 25 -6.13 -12.27 -9.57
N LEU D 26 -7.12 -12.81 -8.87
CA LEU D 26 -7.07 -14.18 -8.41
C LEU D 26 -7.60 -15.09 -9.50
N PRO D 27 -6.82 -16.07 -9.96
CA PRO D 27 -7.34 -17.00 -10.98
C PRO D 27 -8.61 -17.69 -10.49
N ARG D 28 -9.61 -17.73 -11.37
CA ARG D 28 -10.91 -18.29 -10.99
C ARG D 28 -10.79 -19.75 -10.58
N ARG D 29 -9.86 -20.49 -11.18
CA ARG D 29 -9.70 -21.90 -10.84
C ARG D 29 -9.32 -22.14 -9.38
N LEU D 30 -8.82 -21.11 -8.70
CA LEU D 30 -8.50 -21.24 -7.27
C LEU D 30 -9.67 -20.95 -6.36
N VAL D 31 -10.63 -20.14 -6.77
CA VAL D 31 -11.68 -19.72 -5.86
C VAL D 31 -12.85 -20.69 -5.94
N VAL D 32 -13.41 -21.00 -4.78
CA VAL D 32 -14.60 -21.85 -4.67
C VAL D 32 -15.81 -21.10 -4.13
N GLY D 33 -15.61 -19.91 -3.57
CA GLY D 33 -16.71 -19.16 -2.99
C GLY D 33 -16.21 -17.82 -2.50
N TYR D 34 -17.06 -17.10 -1.79
CA TYR D 34 -16.70 -15.77 -1.31
C TYR D 34 -17.52 -15.43 -0.06
N ARG D 35 -16.99 -14.48 0.72
CA ARG D 35 -17.68 -13.94 1.87
C ARG D 35 -17.62 -12.41 1.81
N LYS D 36 -18.44 -11.77 2.62
CA LYS D 36 -18.53 -10.32 2.66
C LYS D 36 -18.21 -9.83 4.08
N ALA D 37 -17.32 -8.84 4.17
CA ALA D 37 -16.94 -8.22 5.44
C ALA D 37 -17.01 -6.70 5.23
N LEU D 38 -18.22 -6.14 5.36
CA LEU D 38 -18.47 -4.75 5.02
C LEU D 38 -18.55 -3.84 6.24
N ASN D 39 -18.85 -4.37 7.42
CA ASN D 39 -18.81 -3.57 8.63
C ASN D 39 -17.38 -3.47 9.14
N CYS D 40 -16.46 -3.08 8.25
CA CYS D 40 -15.05 -3.01 8.56
C CYS D 40 -14.50 -1.68 8.08
N HIS D 41 -13.39 -1.27 8.69
CA HIS D 41 -12.72 -0.04 8.24
C HIS D 41 -12.25 -0.16 6.80
N LEU D 42 -11.81 -1.36 6.40
CA LEU D 42 -11.51 -1.66 5.01
C LEU D 42 -12.52 -2.69 4.52
N PRO D 43 -13.68 -2.28 4.02
CA PRO D 43 -14.67 -3.25 3.52
C PRO D 43 -14.07 -4.11 2.43
N ALA D 44 -14.31 -5.42 2.52
CA ALA D 44 -13.64 -6.36 1.63
C ALA D 44 -14.57 -7.50 1.25
N ILE D 45 -14.32 -8.06 0.06
CA ILE D 45 -14.90 -9.32 -0.37
C ILE D 45 -13.82 -10.39 -0.16
N ILE D 46 -14.14 -11.40 0.64
CA ILE D 46 -13.17 -12.41 1.05
C ILE D 46 -13.39 -13.64 0.18
N PHE D 47 -12.43 -13.95 -0.69
CA PHE D 47 -12.49 -15.14 -1.53
C PHE D 47 -11.85 -16.32 -0.82
N VAL D 48 -12.51 -17.47 -0.90
CA VAL D 48 -12.01 -18.72 -0.32
C VAL D 48 -11.48 -19.59 -1.44
N THR D 49 -10.24 -20.05 -1.29
CA THR D 49 -9.57 -20.81 -2.34
C THR D 49 -9.65 -22.30 -2.05
N LYS D 50 -9.08 -23.10 -2.96
CA LYS D 50 -9.16 -24.56 -2.86
C LYS D 50 -8.48 -25.09 -1.61
N ARG D 51 -7.43 -24.42 -1.14
CA ARG D 51 -6.69 -24.85 0.04
C ARG D 51 -7.20 -24.16 1.30
N ASN D 52 -8.47 -23.76 1.31
CA ASN D 52 -9.09 -23.11 2.46
C ASN D 52 -8.38 -21.82 2.83
N ARG D 53 -7.83 -21.09 1.86
CA ARG D 53 -7.19 -19.79 2.12
C ARG D 53 -8.21 -18.69 1.86
N GLU D 54 -8.32 -17.74 2.79
CA GLU D 54 -9.26 -16.63 2.67
C GLU D 54 -8.48 -15.41 2.19
N VAL D 55 -8.90 -14.83 1.06
CA VAL D 55 -8.12 -13.79 0.39
C VAL D 55 -8.96 -12.52 0.35
N CYS D 56 -8.43 -11.44 0.93
CA CYS D 56 -9.16 -10.19 1.03
C CYS D 56 -9.01 -9.39 -0.24
N THR D 57 -10.13 -8.90 -0.79
CA THR D 57 -10.13 -8.14 -2.03
C THR D 57 -11.03 -6.91 -1.89
N ASN D 58 -10.74 -5.90 -2.69
CA ASN D 58 -11.54 -4.67 -2.70
C ASN D 58 -12.85 -4.91 -3.44
N PRO D 59 -13.99 -4.58 -2.83
CA PRO D 59 -15.28 -4.82 -3.51
C PRO D 59 -15.51 -3.95 -4.72
N ASN D 60 -14.76 -2.85 -4.89
CA ASN D 60 -14.97 -1.97 -6.02
C ASN D 60 -14.21 -2.40 -7.27
N ASP D 61 -13.21 -3.27 -7.11
CA ASP D 61 -12.50 -3.79 -8.27
C ASP D 61 -13.46 -4.56 -9.17
N ASP D 62 -13.24 -4.44 -10.49
CA ASP D 62 -14.18 -5.01 -11.44
C ASP D 62 -14.09 -6.53 -11.48
N TRP D 63 -12.88 -7.08 -11.39
CA TRP D 63 -12.74 -8.54 -11.34
C TRP D 63 -13.47 -9.12 -10.14
N VAL D 64 -13.37 -8.46 -8.99
CA VAL D 64 -14.11 -8.90 -7.81
C VAL D 64 -15.61 -8.91 -8.09
N GLN D 65 -16.11 -7.86 -8.77
CA GLN D 65 -17.53 -7.77 -9.04
C GLN D 65 -17.95 -8.76 -10.12
N GLU D 66 -17.14 -8.91 -11.17
CA GLU D 66 -17.45 -9.89 -12.21
C GLU D 66 -17.37 -11.31 -11.67
N TYR D 67 -16.55 -11.55 -10.64
CA TYR D 67 -16.49 -12.87 -10.03
C TYR D 67 -17.75 -13.16 -9.21
N ILE D 68 -18.24 -12.16 -8.48
CA ILE D 68 -19.41 -12.35 -7.63
C ILE D 68 -20.66 -12.56 -8.47
N LYS D 69 -20.73 -11.93 -9.64
CA LYS D 69 -21.88 -12.14 -10.52
C LYS D 69 -21.98 -13.58 -11.01
N ASP D 70 -20.88 -14.32 -11.02
CA ASP D 70 -20.87 -15.72 -11.44
C ASP D 70 -21.83 -16.56 -10.59
N PRO D 71 -22.83 -17.21 -11.19
CA PRO D 71 -23.73 -18.06 -10.39
C PRO D 71 -23.08 -19.34 -9.92
N ASN D 72 -21.99 -19.77 -10.55
CA ASN D 72 -21.23 -20.91 -10.06
C ASN D 72 -20.24 -20.53 -8.98
N LEU D 73 -20.19 -19.25 -8.60
CA LEU D 73 -19.32 -18.80 -7.52
C LEU D 73 -20.24 -18.34 -6.39
N PRO D 74 -20.48 -19.17 -5.37
CA PRO D 74 -21.54 -18.83 -4.41
C PRO D 74 -21.06 -18.03 -3.21
N LEU D 75 -22.00 -17.28 -2.63
CA LEU D 75 -21.79 -16.66 -1.33
C LEU D 75 -21.88 -17.71 -0.25
N LEU D 76 -20.90 -17.72 0.67
CA LEU D 76 -20.87 -18.75 1.68
C LEU D 76 -21.25 -18.17 3.05
N PRO D 77 -22.25 -18.73 3.73
CA PRO D 77 -22.66 -18.31 5.08
C PRO D 77 -21.55 -18.38 6.11
#